data_4DFK
#
_entry.id   4DFK
#
_cell.length_a   108.211
_cell.length_b   108.211
_cell.length_c   90.115
_cell.angle_alpha   90.00
_cell.angle_beta   90.00
_cell.angle_gamma   120.00
#
_symmetry.space_group_name_H-M   'P 31 2 1'
#
loop_
_entity.id
_entity.type
_entity.pdbx_description
1 polymer 'DNA polymerase I, thermostable'
2 polymer "5'-d(GACCACGGCGC DOC)-3'"
3 polymer "5'-d(AAAAGGCGCCGTGGTC)-3'"
4 non-polymer "2'-deoxy-5-{5-[(10-hydroxydecanoyl)amino]pent-1-yn-1-yl}uridine 5'-(tetrahydrogen triphosphate)"
5 non-polymer 'MAGNESIUM ION'
6 non-polymer 1,2-ETHANEDIOL
7 non-polymer 'FORMIC ACID'
8 water water
#
loop_
_entity_poly.entity_id
_entity_poly.type
_entity_poly.pdbx_seq_one_letter_code
_entity_poly.pdbx_strand_id
1 'polypeptide(L)'
;ALEEAPWPPPEGAFVGFVLSRKEPMWADLLALAAARGGRVHRAPEPYKALRDLKEARGLLAKDLSVLALREGLGLPPGDD
PMLLAYLLDPSNTTPEGVARRYGGEWTEEAGERAALSERLFANLWGRLEGEERLLWLYREVERPLSAVLAHMEATGVRLD
VAYLRALSLEVAEEIARLEAEVFRLAGHPFNLNSRDQLERVLFDELGLPAIGKTEKTGKRSTSAAVLEALREAHPIVEKI
LQYRELTKLKSTYIDPLPDLIHPRTGRLHTRFNQTATATGRLSSSDPNLQNIPVRTPLGQRIRRAFIAEEGWLLVALDYS
QIELRVLAHLSGDENLIRVFQEGRDIHTETASWMFGVPREAVDPLMRRAAKTINFGVLYGMSAHRLSQELAIPYEEAQAF
IERYFQSFPKVRAWIEKTLEEGRRRGYVETLFGRRRYVPDLEARVKSVREAAERMAFNMPVQGTAADLMKLAMVKLFPRL
EEMGARMLLQVHDELVLEAPKERAEAVARLAKEVMEGVYPLAVPLEVEVGIGEDWLSAKE
;
A
2 'polydeoxyribonucleotide' (DG)(DA)(DC)(DC)(DA)(DC)(DG)(DG)(DC)(DG)(DC)(DOC) B
3 'polydeoxyribonucleotide' (DA)(DA)(DA)(DA)(DG)(DG)(DC)(DG)(DC)(DC)(DG)(DT)(DG)(DG)(DT)(DC) C
#
# COMPACT_ATOMS: atom_id res chain seq x y z
N LEU A 2 -2.29 31.78 -23.86
CA LEU A 2 -2.10 30.93 -25.03
C LEU A 2 -3.12 31.23 -26.12
N GLU A 3 -2.68 31.14 -27.37
CA GLU A 3 -3.54 31.36 -28.53
C GLU A 3 -4.48 30.17 -28.71
N GLU A 4 -5.78 30.41 -28.76
CA GLU A 4 -6.72 29.32 -29.00
C GLU A 4 -6.58 28.83 -30.43
N ALA A 5 -6.58 27.51 -30.59
CA ALA A 5 -6.43 26.90 -31.90
C ALA A 5 -7.39 25.72 -31.98
N PRO A 6 -7.82 25.36 -33.20
CA PRO A 6 -8.76 24.24 -33.32
C PRO A 6 -8.16 22.90 -32.92
N TRP A 7 -9.01 22.01 -32.44
CA TRP A 7 -8.64 20.62 -32.23
C TRP A 7 -8.42 20.01 -33.60
N PRO A 8 -7.49 19.05 -33.73
CA PRO A 8 -6.63 18.39 -32.73
C PRO A 8 -5.29 19.10 -32.52
N PRO A 9 -4.61 18.80 -31.42
CA PRO A 9 -3.26 19.35 -31.17
C PRO A 9 -2.22 18.57 -31.97
N PRO A 10 -1.00 19.12 -32.10
CA PRO A 10 0.08 18.36 -32.73
C PRO A 10 0.62 17.32 -31.77
N GLU A 11 1.47 16.42 -32.25
CA GLU A 11 2.06 15.40 -31.39
C GLU A 11 2.97 16.02 -30.35
N GLY A 12 2.98 15.44 -29.14
CA GLY A 12 3.81 15.95 -28.07
C GLY A 12 3.09 16.93 -27.15
N ALA A 13 1.85 17.28 -27.48
CA ALA A 13 1.10 18.25 -26.67
C ALA A 13 0.79 17.71 -25.27
N PHE A 14 0.63 18.63 -24.32
CA PHE A 14 0.25 18.27 -22.97
C PHE A 14 -1.25 18.32 -22.81
N VAL A 15 -1.82 17.32 -22.15
CA VAL A 15 -3.26 17.23 -22.05
C VAL A 15 -3.77 17.82 -20.72
N GLY A 16 -4.98 18.37 -20.76
CA GLY A 16 -5.71 18.73 -19.55
C GLY A 16 -7.08 18.13 -19.70
N PHE A 17 -7.67 17.68 -18.61
CA PHE A 17 -8.98 17.03 -18.70
C PHE A 17 -9.73 17.21 -17.39
N VAL A 18 -11.05 17.17 -17.47
CA VAL A 18 -11.89 17.29 -16.29
C VAL A 18 -12.83 16.08 -16.21
N LEU A 19 -12.84 15.43 -15.04
CA LEU A 19 -13.68 14.28 -14.80
C LEU A 19 -14.83 14.61 -13.85
N SER A 20 -15.97 13.94 -14.02
CA SER A 20 -17.13 14.17 -13.16
C SER A 20 -16.90 13.70 -11.72
N ARG A 21 -15.97 12.77 -11.55
CA ARG A 21 -15.60 12.28 -10.24
C ARG A 21 -14.17 11.74 -10.32
N LYS A 22 -13.55 11.54 -9.16
CA LYS A 22 -12.12 11.26 -9.12
C LYS A 22 -11.69 9.91 -9.71
N GLU A 23 -12.59 8.93 -9.69
CA GLU A 23 -12.23 7.57 -10.10
C GLU A 23 -12.37 7.41 -11.62
N PRO A 24 -11.25 7.17 -12.32
CA PRO A 24 -11.35 7.15 -13.79
C PRO A 24 -12.22 6.03 -14.36
N MET A 25 -12.37 4.90 -13.66
CA MET A 25 -13.23 3.84 -14.17
C MET A 25 -14.71 4.22 -14.09
N TRP A 26 -15.03 5.21 -13.26
CA TRP A 26 -16.43 5.60 -13.02
C TRP A 26 -16.79 6.98 -13.54
N ALA A 27 -15.79 7.71 -14.02
CA ALA A 27 -15.99 9.12 -14.35
C ALA A 27 -16.52 9.36 -15.75
N ASP A 28 -17.28 10.44 -15.87
CA ASP A 28 -17.64 11.02 -17.16
C ASP A 28 -16.53 12.00 -17.55
N LEU A 29 -16.04 11.91 -18.78
CA LEU A 29 -15.05 12.86 -19.28
C LEU A 29 -15.77 14.12 -19.72
N LEU A 30 -15.71 15.17 -18.88
CA LEU A 30 -16.49 16.37 -19.12
C LEU A 30 -15.84 17.33 -20.10
N ALA A 31 -14.51 17.36 -20.12
CA ALA A 31 -13.79 18.24 -21.03
C ALA A 31 -12.36 17.75 -21.24
N LEU A 32 -11.78 18.11 -22.38
CA LEU A 32 -10.46 17.66 -22.79
C LEU A 32 -9.80 18.78 -23.59
N ALA A 33 -8.55 19.08 -23.26
CA ALA A 33 -7.81 20.10 -23.98
C ALA A 33 -6.34 19.72 -24.11
N ALA A 34 -5.62 20.45 -24.93
CA ALA A 34 -4.19 20.19 -25.09
C ALA A 34 -3.41 21.47 -25.36
N ALA A 35 -2.15 21.49 -24.94
CA ALA A 35 -1.36 22.71 -25.06
C ALA A 35 0.03 22.40 -25.59
N ARG A 36 0.49 23.21 -26.54
CA ARG A 36 1.84 23.10 -27.06
C ARG A 36 2.14 24.31 -27.94
N GLY A 37 3.40 24.75 -27.90
CA GLY A 37 3.88 25.74 -28.85
C GLY A 37 3.12 27.04 -28.82
N GLY A 38 2.68 27.43 -27.62
CA GLY A 38 2.02 28.70 -27.41
C GLY A 38 0.54 28.66 -27.74
N ARG A 39 0.02 27.46 -27.95
CA ARG A 39 -1.38 27.29 -28.31
C ARG A 39 -2.12 26.40 -27.34
N VAL A 40 -3.44 26.62 -27.24
CA VAL A 40 -4.32 25.74 -26.49
C VAL A 40 -5.42 25.24 -27.41
N HIS A 41 -5.66 23.94 -27.41
CA HIS A 41 -6.68 23.33 -28.25
C HIS A 41 -7.76 22.69 -27.37
N ARG A 42 -8.99 23.13 -27.52
CA ARG A 42 -10.09 22.59 -26.73
C ARG A 42 -10.98 21.65 -27.56
N ALA A 43 -11.22 20.46 -27.03
CA ALA A 43 -12.01 19.46 -27.74
C ALA A 43 -13.49 19.73 -27.62
N PRO A 44 -14.19 19.86 -28.76
CA PRO A 44 -15.66 20.05 -28.77
C PRO A 44 -16.42 18.81 -28.27
N GLU A 45 -15.96 17.62 -28.66
CA GLU A 45 -16.51 16.38 -28.14
C GLU A 45 -15.39 15.55 -27.51
N PRO A 46 -15.30 15.55 -26.17
CA PRO A 46 -14.16 14.97 -25.45
C PRO A 46 -13.91 13.49 -25.76
N TYR A 47 -14.94 12.65 -25.75
CA TYR A 47 -14.73 11.21 -25.96
C TYR A 47 -14.18 10.88 -27.34
N LYS A 48 -14.77 11.47 -28.37
CA LYS A 48 -14.31 11.28 -29.74
C LYS A 48 -12.88 11.83 -29.88
N ALA A 49 -12.61 12.93 -29.19
CA ALA A 49 -11.32 13.59 -29.26
C ALA A 49 -10.19 12.73 -28.69
N LEU A 50 -10.52 11.87 -27.74
CA LEU A 50 -9.53 10.97 -27.14
C LEU A 50 -8.81 10.19 -28.22
N ARG A 51 -9.58 9.80 -29.24
CA ARG A 51 -9.05 8.99 -30.33
C ARG A 51 -7.93 9.68 -31.09
N ASP A 52 -7.81 11.00 -30.93
CA ASP A 52 -6.80 11.78 -31.64
C ASP A 52 -5.43 11.77 -30.97
N LEU A 53 -5.39 11.46 -29.68
CA LEU A 53 -4.13 11.52 -28.93
C LEU A 53 -3.28 10.26 -29.09
N LYS A 54 -1.96 10.46 -29.11
CA LYS A 54 -0.99 9.37 -29.20
C LYS A 54 -0.59 8.88 -27.82
N GLU A 55 -0.60 9.80 -26.86
CA GLU A 55 -0.31 9.46 -25.47
C GLU A 55 -0.90 10.52 -24.58
N ALA A 56 -1.13 10.18 -23.32
CA ALA A 56 -1.55 11.16 -22.33
C ALA A 56 -0.32 11.69 -21.61
N ARG A 57 -0.04 12.96 -21.85
CA ARG A 57 1.13 13.61 -21.29
C ARG A 57 0.64 14.80 -20.46
N GLY A 58 0.82 14.78 -19.15
CA GLY A 58 0.36 15.88 -18.31
C GLY A 58 0.00 15.45 -16.91
N LEU A 59 -0.56 16.37 -16.14
CA LEU A 59 -0.91 16.06 -14.75
C LEU A 59 -1.91 14.92 -14.75
N LEU A 60 -1.70 13.94 -13.87
CA LEU A 60 -2.60 12.80 -13.70
C LEU A 60 -2.82 12.01 -15.00
N ALA A 61 -1.75 11.86 -15.77
CA ALA A 61 -1.81 11.20 -17.07
C ALA A 61 -2.41 9.80 -16.94
N LYS A 62 -2.04 9.09 -15.88
CA LYS A 62 -2.53 7.71 -15.74
C LYS A 62 -4.07 7.65 -15.65
N ASP A 63 -4.68 8.62 -14.98
CA ASP A 63 -6.14 8.63 -14.88
C ASP A 63 -6.81 8.75 -16.25
N LEU A 64 -6.29 9.63 -17.10
CA LEU A 64 -6.86 9.73 -18.45
C LEU A 64 -6.64 8.44 -19.24
N SER A 65 -5.47 7.82 -19.07
CA SER A 65 -5.19 6.56 -19.75
CA SER A 65 -5.19 6.55 -19.76
C SER A 65 -6.15 5.44 -19.31
N VAL A 66 -6.46 5.40 -18.01
CA VAL A 66 -7.39 4.40 -17.50
C VAL A 66 -8.78 4.59 -18.13
N LEU A 67 -9.23 5.85 -18.20
CA LEU A 67 -10.52 6.13 -18.84
C LEU A 67 -10.48 5.74 -20.33
N ALA A 68 -9.37 6.03 -20.99
CA ALA A 68 -9.23 5.66 -22.39
C ALA A 68 -9.28 4.14 -22.58
N LEU A 69 -8.57 3.41 -21.73
CA LEU A 69 -8.57 1.94 -21.79
C LEU A 69 -9.97 1.38 -21.53
N ARG A 70 -10.68 2.00 -20.59
CA ARG A 70 -12.07 1.65 -20.32
C ARG A 70 -12.92 1.76 -21.58
N GLU A 71 -12.59 2.76 -22.39
CA GLU A 71 -13.33 3.01 -23.64
C GLU A 71 -12.78 2.23 -24.83
N GLY A 72 -11.86 1.30 -24.56
CA GLY A 72 -11.30 0.46 -25.59
C GLY A 72 -10.23 1.10 -26.45
N LEU A 73 -9.57 2.12 -25.92
CA LEU A 73 -8.52 2.84 -26.62
C LEU A 73 -7.18 2.63 -25.95
N GLY A 74 -6.17 2.24 -26.71
CA GLY A 74 -4.84 2.00 -26.17
C GLY A 74 -4.03 3.29 -26.10
N LEU A 75 -4.36 4.13 -25.12
CA LEU A 75 -3.71 5.42 -24.95
C LEU A 75 -2.79 5.35 -23.74
N PRO A 76 -1.46 5.27 -23.96
CA PRO A 76 -0.59 5.13 -22.79
C PRO A 76 -0.29 6.47 -22.15
N PRO A 77 -0.02 6.48 -20.83
CA PRO A 77 0.40 7.71 -20.15
C PRO A 77 1.88 7.94 -20.40
N GLY A 78 2.29 9.20 -20.49
CA GLY A 78 3.68 9.54 -20.70
C GLY A 78 4.16 10.42 -19.57
N ASP A 79 4.86 11.50 -19.88
CA ASP A 79 5.31 12.43 -18.85
C ASP A 79 4.16 12.91 -17.99
N ASP A 80 4.41 13.04 -16.68
CA ASP A 80 3.44 13.55 -15.72
C ASP A 80 4.22 14.37 -14.69
N PRO A 81 3.99 15.70 -14.64
CA PRO A 81 4.71 16.51 -13.65
C PRO A 81 4.52 16.03 -12.21
N MET A 82 3.40 15.37 -11.89
CA MET A 82 3.22 14.83 -10.54
C MET A 82 4.37 13.89 -10.16
N LEU A 83 4.80 13.08 -11.13
CA LEU A 83 5.85 12.11 -10.85
C LEU A 83 7.20 12.79 -10.62
N LEU A 84 7.49 13.83 -11.39
CA LEU A 84 8.71 14.59 -11.21
C LEU A 84 8.71 15.26 -9.84
N ALA A 85 7.59 15.89 -9.50
CA ALA A 85 7.46 16.56 -8.21
C ALA A 85 7.59 15.57 -7.05
N TYR A 86 6.95 14.41 -7.19
CA TYR A 86 6.99 13.40 -6.12
C TYR A 86 8.40 12.90 -5.86
N LEU A 87 9.18 12.76 -6.92
CA LEU A 87 10.57 12.34 -6.77
C LEU A 87 11.44 13.43 -6.12
N LEU A 88 11.17 14.69 -6.43
CA LEU A 88 11.90 15.78 -5.77
C LEU A 88 11.61 15.81 -4.27
N ASP A 89 10.38 15.48 -3.90
CA ASP A 89 9.96 15.59 -2.51
C ASP A 89 8.62 14.86 -2.40
N PRO A 90 8.61 13.72 -1.70
CA PRO A 90 7.37 12.92 -1.68
C PRO A 90 6.24 13.53 -0.88
N SER A 91 6.44 14.70 -0.28
CA SER A 91 5.30 15.41 0.29
C SER A 91 4.48 16.08 -0.81
N ASN A 92 5.01 16.06 -2.04
CA ASN A 92 4.25 16.52 -3.20
C ASN A 92 3.28 15.44 -3.64
N THR A 93 2.05 15.48 -3.15
CA THR A 93 1.10 14.39 -3.40
C THR A 93 -0.17 14.78 -4.15
N THR A 94 -0.45 16.08 -4.27
CA THR A 94 -1.68 16.53 -4.93
C THR A 94 -1.39 17.53 -6.03
N PRO A 95 -2.24 17.57 -7.06
CA PRO A 95 -2.03 18.58 -8.10
C PRO A 95 -2.25 20.00 -7.59
N GLU A 96 -3.14 20.18 -6.62
CA GLU A 96 -3.30 21.51 -6.02
C GLU A 96 -1.99 22.02 -5.43
N GLY A 97 -1.31 21.16 -4.68
CA GLY A 97 -0.09 21.54 -4.00
C GLY A 97 1.09 21.67 -4.94
N VAL A 98 1.19 20.74 -5.87
CA VAL A 98 2.28 20.78 -6.85
C VAL A 98 2.15 22.04 -7.72
N ALA A 99 0.94 22.35 -8.17
CA ALA A 99 0.72 23.56 -8.99
C ALA A 99 1.16 24.82 -8.26
N ARG A 100 0.71 24.98 -7.02
CA ARG A 100 1.09 26.15 -6.22
C ARG A 100 2.60 26.23 -6.03
N ARG A 101 3.25 25.08 -5.85
CA ARG A 101 4.66 25.08 -5.51
C ARG A 101 5.54 25.35 -6.72
N TYR A 102 5.11 24.86 -7.89
CA TYR A 102 6.00 24.85 -9.06
C TYR A 102 5.53 25.69 -10.25
N GLY A 103 4.41 26.39 -10.10
CA GLY A 103 4.12 27.50 -11.00
C GLY A 103 2.75 27.61 -11.63
N GLY A 104 1.71 27.67 -10.80
CA GLY A 104 0.38 27.87 -11.36
C GLY A 104 -0.69 27.55 -10.35
N GLU A 105 -1.88 27.26 -10.86
CA GLU A 105 -3.02 26.92 -10.00
C GLU A 105 -3.84 25.82 -10.67
N TRP A 106 -4.20 24.82 -9.88
CA TRP A 106 -5.07 23.74 -10.33
C TRP A 106 -6.50 24.25 -10.30
N THR A 107 -7.07 24.44 -11.48
CA THR A 107 -8.42 24.98 -11.61
C THR A 107 -9.33 23.86 -12.09
N GLU A 108 -10.55 24.21 -12.48
CA GLU A 108 -11.50 23.18 -12.93
C GLU A 108 -11.80 23.30 -14.42
N GLU A 109 -10.87 23.87 -15.18
CA GLU A 109 -11.05 24.03 -16.62
C GLU A 109 -9.93 23.30 -17.36
N ALA A 110 -10.31 22.49 -18.36
CA ALA A 110 -9.37 21.59 -19.03
C ALA A 110 -8.24 22.34 -19.73
N GLY A 111 -8.57 23.44 -20.40
CA GLY A 111 -7.57 24.23 -21.08
C GLY A 111 -6.53 24.79 -20.12
N GLU A 112 -7.00 25.26 -18.98
CA GLU A 112 -6.09 25.76 -17.97
C GLU A 112 -5.23 24.64 -17.38
N ARG A 113 -5.83 23.46 -17.21
CA ARG A 113 -5.07 22.29 -16.77
C ARG A 113 -4.01 21.85 -17.79
N ALA A 114 -4.31 21.99 -19.08
CA ALA A 114 -3.33 21.61 -20.10
C ALA A 114 -2.14 22.58 -20.09
N ALA A 115 -2.45 23.88 -20.00
CA ALA A 115 -1.43 24.93 -19.97
C ALA A 115 -0.56 24.76 -18.73
N LEU A 116 -1.21 24.44 -17.61
CA LEU A 116 -0.52 24.23 -16.36
C LEU A 116 0.45 23.03 -16.47
N SER A 117 -0.05 21.93 -17.02
CA SER A 117 0.77 20.72 -17.20
C SER A 117 2.03 21.06 -17.98
N GLU A 118 1.86 21.82 -19.06
CA GLU A 118 2.98 22.20 -19.91
C GLU A 118 4.05 22.97 -19.15
N ARG A 119 3.62 23.99 -18.40
CA ARG A 119 4.60 24.84 -17.75
C ARG A 119 5.19 24.17 -16.52
N LEU A 120 4.39 23.36 -15.81
CA LEU A 120 4.92 22.61 -14.69
C LEU A 120 5.98 21.61 -15.16
N PHE A 121 5.72 20.96 -16.29
CA PHE A 121 6.71 20.02 -16.80
C PHE A 121 8.02 20.73 -17.08
N ALA A 122 7.95 21.88 -17.74
CA ALA A 122 9.13 22.70 -18.03
C ALA A 122 9.92 22.99 -16.78
N ASN A 123 9.24 23.49 -15.77
CA ASN A 123 9.91 23.89 -14.55
C ASN A 123 10.47 22.70 -13.77
N LEU A 124 9.66 21.65 -13.62
CA LEU A 124 10.09 20.48 -12.87
C LEU A 124 11.22 19.71 -13.55
N TRP A 125 11.18 19.63 -14.88
CA TRP A 125 12.27 19.01 -15.64
C TRP A 125 13.60 19.73 -15.36
N GLY A 126 13.53 21.06 -15.34
CA GLY A 126 14.69 21.88 -15.02
C GLY A 126 15.22 21.61 -13.62
N ARG A 127 14.33 21.36 -12.67
CA ARG A 127 14.75 21.07 -11.30
C ARG A 127 15.47 19.73 -11.18
N LEU A 128 15.16 18.81 -12.08
CA LEU A 128 15.80 17.49 -12.04
C LEU A 128 17.13 17.46 -12.79
N GLU A 129 17.50 18.60 -13.40
CA GLU A 129 18.78 18.67 -14.09
C GLU A 129 19.90 18.49 -13.07
N GLY A 130 20.80 17.54 -13.35
CA GLY A 130 21.88 17.26 -12.44
C GLY A 130 21.53 16.24 -11.37
N GLU A 131 20.23 16.02 -11.15
CA GLU A 131 19.80 14.98 -10.22
C GLU A 131 19.76 13.65 -10.95
N GLU A 132 20.93 13.11 -11.26
CA GLU A 132 21.03 11.91 -12.11
C GLU A 132 20.26 10.72 -11.55
N ARG A 133 20.29 10.53 -10.23
CA ARG A 133 19.64 9.37 -9.64
C ARG A 133 18.11 9.51 -9.65
N LEU A 134 17.60 10.71 -9.38
CA LEU A 134 16.16 10.93 -9.46
C LEU A 134 15.69 10.78 -10.92
N LEU A 135 16.52 11.23 -11.86
CA LEU A 135 16.18 11.11 -13.28
C LEU A 135 16.10 9.64 -13.70
N TRP A 136 16.99 8.83 -13.15
CA TRP A 136 16.97 7.40 -13.44
C TRP A 136 15.68 6.79 -12.93
N LEU A 137 15.29 7.13 -11.69
CA LEU A 137 14.04 6.64 -11.15
C LEU A 137 12.85 7.05 -12.02
N TYR A 138 12.86 8.29 -12.51
CA TYR A 138 11.77 8.75 -13.36
C TYR A 138 11.70 7.94 -14.66
N ARG A 139 12.83 7.84 -15.37
CA ARG A 139 12.85 7.20 -16.68
C ARG A 139 12.74 5.69 -16.61
N GLU A 140 13.36 5.09 -15.60
CA GLU A 140 13.44 3.63 -15.53
C GLU A 140 12.38 3.00 -14.66
N VAL A 141 11.76 3.79 -13.78
CA VAL A 141 10.79 3.23 -12.84
C VAL A 141 9.44 3.92 -12.91
N GLU A 142 9.36 5.18 -12.48
CA GLU A 142 8.04 5.82 -12.33
C GLU A 142 7.26 6.01 -13.63
N ARG A 143 7.90 6.56 -14.66
CA ARG A 143 7.19 6.80 -15.90
C ARG A 143 6.66 5.50 -16.54
N PRO A 144 7.53 4.49 -16.69
CA PRO A 144 6.97 3.24 -17.26
C PRO A 144 5.98 2.55 -16.33
N LEU A 145 6.18 2.69 -15.02
CA LEU A 145 5.27 2.04 -14.08
C LEU A 145 3.86 2.62 -14.23
N SER A 146 3.75 3.91 -14.56
CA SER A 146 2.41 4.49 -14.69
C SER A 146 1.57 3.78 -15.76
N ALA A 147 2.23 3.32 -16.83
CA ALA A 147 1.56 2.58 -17.89
C ALA A 147 1.09 1.22 -17.37
N VAL A 148 1.94 0.56 -16.60
CA VAL A 148 1.59 -0.73 -16.00
C VAL A 148 0.37 -0.57 -15.08
N LEU A 149 0.42 0.45 -14.21
CA LEU A 149 -0.67 0.71 -13.28
C LEU A 149 -1.97 1.02 -14.01
N ALA A 150 -1.89 1.75 -15.11
CA ALA A 150 -3.11 2.02 -15.88
C ALA A 150 -3.80 0.74 -16.34
N HIS A 151 -3.01 -0.19 -16.85
CA HIS A 151 -3.55 -1.48 -17.27
C HIS A 151 -4.14 -2.26 -16.10
N MET A 152 -3.45 -2.30 -14.98
CA MET A 152 -3.98 -2.97 -13.80
C MET A 152 -5.34 -2.37 -13.40
N GLU A 153 -5.41 -1.04 -13.32
CA GLU A 153 -6.64 -0.37 -12.92
C GLU A 153 -7.80 -0.68 -13.86
N ALA A 154 -7.54 -0.65 -15.16
CA ALA A 154 -8.59 -0.87 -16.16
C ALA A 154 -9.03 -2.33 -16.24
N THR A 155 -8.17 -3.24 -15.75
CA THR A 155 -8.48 -4.66 -15.79
C THR A 155 -9.46 -5.10 -14.69
N GLY A 156 -9.16 -4.73 -13.46
CA GLY A 156 -10.03 -5.08 -12.34
C GLY A 156 -9.86 -6.52 -11.89
N VAL A 157 -10.59 -6.91 -10.86
CA VAL A 157 -10.54 -8.27 -10.35
C VAL A 157 -11.97 -8.78 -10.14
N ARG A 158 -12.17 -10.07 -10.40
CA ARG A 158 -13.48 -10.71 -10.26
C ARG A 158 -13.79 -10.97 -8.77
N LEU A 159 -15.06 -10.77 -8.40
CA LEU A 159 -15.49 -10.96 -7.04
C LEU A 159 -16.73 -11.84 -7.02
N ASP A 160 -16.80 -12.78 -6.08
CA ASP A 160 -17.99 -13.62 -5.95
C ASP A 160 -19.05 -12.86 -5.12
N VAL A 161 -19.86 -12.07 -5.82
CA VAL A 161 -20.84 -11.19 -5.19
C VAL A 161 -21.93 -11.97 -4.45
N ALA A 162 -22.42 -13.04 -5.07
CA ALA A 162 -23.51 -13.81 -4.47
C ALA A 162 -23.08 -14.44 -3.14
N TYR A 163 -21.83 -14.90 -3.11
CA TYR A 163 -21.22 -15.47 -1.92
C TYR A 163 -21.15 -14.42 -0.81
N LEU A 164 -20.69 -13.21 -1.16
CA LEU A 164 -20.62 -12.14 -0.16
C LEU A 164 -21.99 -11.69 0.34
N ARG A 165 -22.98 -11.61 -0.55
CA ARG A 165 -24.33 -11.24 -0.13
C ARG A 165 -24.86 -12.26 0.87
N ALA A 166 -24.61 -13.54 0.60
CA ALA A 166 -25.08 -14.59 1.53
C ALA A 166 -24.33 -14.51 2.88
N LEU A 167 -23.04 -14.25 2.80
CA LEU A 167 -22.20 -14.13 3.99
C LEU A 167 -22.70 -13.00 4.89
N SER A 168 -23.11 -11.89 4.28
CA SER A 168 -23.63 -10.73 5.03
C SER A 168 -24.77 -11.14 5.96
N LEU A 169 -25.69 -11.92 5.44
CA LEU A 169 -26.85 -12.35 6.23
C LEU A 169 -26.45 -13.20 7.44
N GLU A 170 -25.47 -14.11 7.23
CA GLU A 170 -24.99 -14.94 8.33
C GLU A 170 -24.28 -14.07 9.39
N VAL A 171 -23.43 -13.17 8.94
CA VAL A 171 -22.68 -12.33 9.88
C VAL A 171 -23.61 -11.41 10.68
N ALA A 172 -24.65 -10.92 10.03
CA ALA A 172 -25.63 -10.05 10.68
C ALA A 172 -26.25 -10.76 11.90
N GLU A 173 -26.55 -12.04 11.76
CA GLU A 173 -27.15 -12.78 12.86
C GLU A 173 -26.20 -12.95 14.04
N GLU A 174 -24.93 -13.18 13.75
CA GLU A 174 -23.95 -13.29 14.83
C GLU A 174 -23.69 -11.95 15.51
N ILE A 175 -23.67 -10.87 14.73
CA ILE A 175 -23.50 -9.54 15.31
C ILE A 175 -24.64 -9.23 16.28
N ALA A 176 -25.86 -9.59 15.89
CA ALA A 176 -27.03 -9.38 16.75
C ALA A 176 -26.88 -10.11 18.09
N ARG A 177 -26.39 -11.35 18.06
CA ARG A 177 -26.17 -12.10 19.29
C ARG A 177 -25.16 -11.42 20.20
N LEU A 178 -24.07 -10.94 19.61
CA LEU A 178 -23.03 -10.26 20.37
C LEU A 178 -23.53 -8.94 20.94
N GLU A 179 -24.21 -8.14 20.13
CA GLU A 179 -24.64 -6.83 20.63
C GLU A 179 -25.66 -6.96 21.75
N ALA A 180 -26.55 -7.95 21.63
CA ALA A 180 -27.59 -8.19 22.64
C ALA A 180 -26.95 -8.55 23.97
N GLU A 181 -25.91 -9.38 23.90
CA GLU A 181 -25.16 -9.74 25.11
C GLU A 181 -24.47 -8.54 25.72
N VAL A 182 -23.84 -7.72 24.88
CA VAL A 182 -23.20 -6.50 25.39
C VAL A 182 -24.20 -5.60 26.13
N PHE A 183 -25.37 -5.40 25.53
CA PHE A 183 -26.39 -4.54 26.14
C PHE A 183 -26.93 -5.17 27.43
N ARG A 184 -27.09 -6.49 27.45
CA ARG A 184 -27.49 -7.17 28.69
C ARG A 184 -26.49 -6.91 29.80
N LEU A 185 -25.21 -7.07 29.47
CA LEU A 185 -24.13 -6.91 30.46
C LEU A 185 -23.94 -5.46 30.91
N ALA A 186 -24.22 -4.51 30.02
CA ALA A 186 -24.15 -3.10 30.37
C ALA A 186 -25.35 -2.73 31.23
N GLY A 187 -26.41 -3.52 31.13
CA GLY A 187 -27.63 -3.26 31.87
C GLY A 187 -28.62 -2.39 31.11
N HIS A 188 -28.23 -1.99 29.91
CA HIS A 188 -29.04 -1.10 29.07
C HIS A 188 -28.43 -1.03 27.68
N PRO A 189 -29.24 -0.73 26.68
CA PRO A 189 -28.70 -0.52 25.33
C PRO A 189 -28.07 0.86 25.15
N PHE A 190 -27.19 0.97 24.16
CA PHE A 190 -26.57 2.23 23.80
C PHE A 190 -26.02 2.01 22.39
N ASN A 191 -25.42 3.02 21.77
CA ASN A 191 -24.83 2.82 20.46
C ASN A 191 -23.46 2.19 20.61
N LEU A 192 -23.36 0.89 20.37
CA LEU A 192 -22.09 0.18 20.56
C LEU A 192 -21.03 0.63 19.54
N ASN A 193 -21.48 1.24 18.44
CA ASN A 193 -20.55 1.78 17.45
C ASN A 193 -19.95 3.11 17.87
N SER A 194 -20.46 3.69 18.95
CA SER A 194 -19.91 4.94 19.46
C SER A 194 -18.88 4.68 20.56
N ARG A 195 -17.62 4.98 20.28
CA ARG A 195 -16.58 4.76 21.28
C ARG A 195 -16.74 5.70 22.47
N ASP A 196 -17.36 6.87 22.25
CA ASP A 196 -17.64 7.78 23.35
C ASP A 196 -18.67 7.18 24.31
N GLN A 197 -19.71 6.57 23.77
CA GLN A 197 -20.70 5.92 24.62
C GLN A 197 -20.14 4.69 25.33
N LEU A 198 -19.34 3.90 24.60
CA LEU A 198 -18.71 2.72 25.20
C LEU A 198 -17.72 3.08 26.32
N GLU A 199 -16.97 4.16 26.14
CA GLU A 199 -16.03 4.61 27.18
C GLU A 199 -16.75 4.83 28.50
N ARG A 200 -17.91 5.48 28.41
CA ARG A 200 -18.69 5.81 29.60
C ARG A 200 -19.23 4.54 30.28
N VAL A 201 -19.66 3.58 29.46
CA VAL A 201 -20.14 2.31 29.97
C VAL A 201 -19.04 1.51 30.69
N LEU A 202 -17.89 1.37 30.05
CA LEU A 202 -16.80 0.59 30.62
C LEU A 202 -16.19 1.21 31.86
N PHE A 203 -15.95 2.51 31.80
CA PHE A 203 -15.08 3.14 32.78
C PHE A 203 -15.84 3.89 33.87
N ASP A 204 -17.03 4.37 33.53
CA ASP A 204 -17.87 5.08 34.51
C ASP A 204 -18.95 4.21 35.13
N GLU A 205 -19.75 3.55 34.29
CA GLU A 205 -20.87 2.76 34.79
C GLU A 205 -20.40 1.44 35.37
N LEU A 206 -19.63 0.69 34.59
CA LEU A 206 -18.99 -0.52 35.09
C LEU A 206 -17.73 -0.07 35.82
N GLY A 207 -17.06 -0.99 36.50
CA GLY A 207 -15.98 -0.55 37.38
C GLY A 207 -14.61 -0.38 36.77
N LEU A 208 -14.50 -0.63 35.47
CA LEU A 208 -13.21 -0.97 34.87
C LEU A 208 -12.14 0.13 34.90
N PRO A 209 -10.89 -0.28 35.14
CA PRO A 209 -9.75 0.64 35.15
C PRO A 209 -9.40 1.10 33.73
N ALA A 210 -9.18 2.40 33.57
CA ALA A 210 -8.67 2.90 32.31
C ALA A 210 -7.21 2.44 32.14
N ILE A 211 -6.84 2.06 30.94
CA ILE A 211 -5.50 1.57 30.67
C ILE A 211 -4.69 2.63 29.94
N GLY A 212 -5.31 3.26 28.94
CA GLY A 212 -4.62 4.26 28.15
C GLY A 212 -5.53 5.38 27.68
N LYS A 213 -4.92 6.39 27.08
CA LYS A 213 -5.63 7.58 26.63
C LYS A 213 -5.49 7.74 25.14
N THR A 214 -6.44 8.45 24.52
CA THR A 214 -6.38 8.69 23.08
C THR A 214 -5.46 9.87 22.77
N GLU A 215 -4.99 9.93 21.52
CA GLU A 215 -3.88 10.83 21.18
C GLU A 215 -4.23 12.32 21.14
N LYS A 216 -5.24 12.68 20.34
CA LYS A 216 -5.58 14.08 20.13
C LYS A 216 -6.42 14.69 21.24
N THR A 217 -7.35 13.93 21.80
CA THR A 217 -8.32 14.48 22.75
C THR A 217 -8.22 13.89 24.16
N GLY A 218 -7.34 12.91 24.36
CA GLY A 218 -7.10 12.38 25.69
C GLY A 218 -8.28 11.74 26.38
N LYS A 219 -9.19 11.16 25.60
CA LYS A 219 -10.26 10.36 26.17
C LYS A 219 -9.68 9.04 26.67
N ARG A 220 -10.42 8.34 27.53
CA ARG A 220 -9.99 7.01 27.93
C ARG A 220 -10.20 6.07 26.74
N SER A 221 -9.13 5.46 26.26
CA SER A 221 -9.19 4.63 25.05
C SER A 221 -9.99 3.34 25.25
N THR A 222 -10.67 2.93 24.18
CA THR A 222 -11.34 1.63 24.15
C THR A 222 -10.73 0.74 23.06
N SER A 223 -9.47 0.99 22.71
CA SER A 223 -8.80 0.25 21.64
C SER A 223 -8.71 -1.24 21.95
N ALA A 224 -8.54 -2.06 20.90
CA ALA A 224 -8.38 -3.49 21.07
C ALA A 224 -7.24 -3.83 22.03
N ALA A 225 -6.18 -3.03 22.02
CA ALA A 225 -5.07 -3.22 22.96
C ALA A 225 -5.51 -3.06 24.42
N VAL A 226 -6.28 -2.01 24.69
CA VAL A 226 -6.84 -1.79 26.02
C VAL A 226 -7.82 -2.89 26.43
N LEU A 227 -8.71 -3.26 25.50
CA LEU A 227 -9.69 -4.32 25.78
C LEU A 227 -8.98 -5.65 26.05
N GLU A 228 -7.91 -5.93 25.31
CA GLU A 228 -7.13 -7.14 25.56
C GLU A 228 -6.63 -7.16 27.00
N ALA A 229 -6.14 -6.01 27.47
CA ALA A 229 -5.65 -5.92 28.84
C ALA A 229 -6.77 -6.14 29.86
N LEU A 230 -8.01 -5.93 29.42
CA LEU A 230 -9.18 -6.05 30.29
C LEU A 230 -10.00 -7.32 30.09
N ARG A 231 -9.46 -8.27 29.33
CA ARG A 231 -10.17 -9.51 29.02
C ARG A 231 -10.71 -10.24 30.25
N GLU A 232 -9.94 -10.25 31.33
CA GLU A 232 -10.29 -11.01 32.53
C GLU A 232 -11.12 -10.20 33.52
N ALA A 233 -11.27 -8.91 33.27
CA ALA A 233 -11.88 -8.00 34.25
C ALA A 233 -13.41 -8.06 34.26
N HIS A 234 -14.00 -8.37 33.12
CA HIS A 234 -15.46 -8.34 32.97
C HIS A 234 -15.86 -9.06 31.70
N PRO A 235 -16.92 -9.87 31.75
CA PRO A 235 -17.37 -10.65 30.58
C PRO A 235 -17.73 -9.81 29.35
N ILE A 236 -18.08 -8.54 29.56
CA ILE A 236 -18.49 -7.69 28.44
C ILE A 236 -17.35 -7.42 27.46
N VAL A 237 -16.12 -7.48 27.95
CA VAL A 237 -14.95 -7.11 27.16
C VAL A 237 -14.74 -8.03 25.95
N GLU A 238 -14.74 -9.33 26.18
CA GLU A 238 -14.55 -10.29 25.09
C GLU A 238 -15.68 -10.17 24.07
N LYS A 239 -16.89 -9.88 24.56
CA LYS A 239 -18.04 -9.73 23.69
C LYS A 239 -17.88 -8.50 22.80
N ILE A 240 -17.36 -7.43 23.38
CA ILE A 240 -17.05 -6.22 22.61
C ILE A 240 -15.98 -6.47 21.54
N LEU A 241 -14.91 -7.18 21.91
CA LEU A 241 -13.86 -7.52 20.94
C LEU A 241 -14.41 -8.35 19.77
N GLN A 242 -15.31 -9.28 20.07
CA GLN A 242 -15.89 -10.11 19.02
C GLN A 242 -16.81 -9.29 18.13
N TYR A 243 -17.57 -8.40 18.75
CA TYR A 243 -18.46 -7.51 18.02
C TYR A 243 -17.68 -6.62 17.05
N ARG A 244 -16.58 -6.07 17.54
CA ARG A 244 -15.69 -5.21 16.76
C ARG A 244 -15.12 -5.93 15.55
N GLU A 245 -14.68 -7.17 15.75
CA GLU A 245 -14.10 -7.95 14.65
C GLU A 245 -15.12 -8.11 13.53
N LEU A 246 -16.33 -8.52 13.91
CA LEU A 246 -17.35 -8.79 12.92
C LEU A 246 -17.86 -7.53 12.24
N THR A 247 -18.11 -6.47 13.01
CA THR A 247 -18.65 -5.24 12.40
C THR A 247 -17.63 -4.54 11.50
N LYS A 248 -16.36 -4.62 11.87
CA LYS A 248 -15.29 -4.09 11.02
C LYS A 248 -15.32 -4.76 9.66
N LEU A 249 -15.39 -6.08 9.64
CA LEU A 249 -15.35 -6.82 8.37
C LEU A 249 -16.62 -6.60 7.56
N LYS A 250 -17.75 -6.53 8.24
CA LYS A 250 -19.02 -6.38 7.54
C LYS A 250 -19.16 -4.99 6.94
N SER A 251 -18.82 -3.97 7.73
CA SER A 251 -19.03 -2.59 7.28
C SER A 251 -18.00 -2.13 6.25
N THR A 252 -16.83 -2.75 6.25
CA THR A 252 -15.75 -2.27 5.40
C THR A 252 -15.61 -3.11 4.12
N TYR A 253 -15.95 -4.40 4.21
CA TYR A 253 -15.74 -5.30 3.07
C TYR A 253 -16.97 -6.03 2.56
N ILE A 254 -17.64 -6.76 3.44
CA ILE A 254 -18.71 -7.65 3.00
C ILE A 254 -19.85 -6.87 2.35
N ASP A 255 -20.27 -5.79 3.00
CA ASP A 255 -21.38 -4.99 2.49
C ASP A 255 -21.02 -4.04 1.33
N PRO A 256 -19.93 -3.24 1.45
CA PRO A 256 -19.65 -2.28 0.38
C PRO A 256 -19.15 -2.89 -0.94
N LEU A 257 -18.27 -3.87 -0.89
CA LEU A 257 -17.62 -4.34 -2.12
C LEU A 257 -18.57 -4.84 -3.24
N PRO A 258 -19.59 -5.62 -2.89
CA PRO A 258 -20.46 -6.12 -3.96
C PRO A 258 -21.17 -5.00 -4.72
N ASP A 259 -21.34 -3.85 -4.08
CA ASP A 259 -22.00 -2.72 -4.72
C ASP A 259 -21.07 -1.95 -5.66
N LEU A 260 -19.79 -2.31 -5.70
CA LEU A 260 -18.84 -1.57 -6.52
C LEU A 260 -18.45 -2.29 -7.82
N ILE A 261 -19.17 -3.35 -8.18
CA ILE A 261 -18.88 -4.06 -9.41
C ILE A 261 -19.24 -3.17 -10.60
N HIS A 262 -18.31 -3.04 -11.53
CA HIS A 262 -18.51 -2.17 -12.68
C HIS A 262 -19.48 -2.78 -13.69
N PRO A 263 -20.44 -1.98 -14.18
CA PRO A 263 -21.53 -2.52 -15.02
C PRO A 263 -21.03 -3.08 -16.36
N ARG A 264 -19.94 -2.55 -16.89
CA ARG A 264 -19.44 -2.97 -18.19
C ARG A 264 -18.44 -4.12 -18.11
N THR A 265 -17.54 -4.07 -17.12
CA THR A 265 -16.48 -5.07 -17.02
C THR A 265 -16.87 -6.27 -16.17
N GLY A 266 -17.84 -6.09 -15.29
CA GLY A 266 -18.25 -7.12 -14.36
C GLY A 266 -17.21 -7.39 -13.29
N ARG A 267 -16.31 -6.42 -13.08
CA ARG A 267 -15.21 -6.59 -12.14
C ARG A 267 -15.08 -5.40 -11.19
N LEU A 268 -14.25 -5.58 -10.15
CA LEU A 268 -13.99 -4.57 -9.14
C LEU A 268 -12.71 -3.85 -9.50
N HIS A 269 -12.72 -2.53 -9.54
CA HIS A 269 -11.56 -1.74 -9.99
C HIS A 269 -11.04 -0.80 -8.92
N THR A 270 -9.78 -0.97 -8.55
CA THR A 270 -9.14 -0.07 -7.59
C THR A 270 -8.34 1.00 -8.33
N ARG A 271 -7.81 1.96 -7.57
CA ARG A 271 -6.86 2.93 -8.08
C ARG A 271 -5.53 2.68 -7.40
N PHE A 272 -4.45 2.67 -8.17
CA PHE A 272 -3.11 2.55 -7.61
C PHE A 272 -2.45 3.93 -7.66
N ASN A 273 -2.39 4.57 -6.49
CA ASN A 273 -1.88 5.92 -6.37
C ASN A 273 -0.36 5.92 -6.31
N GLN A 274 0.25 6.62 -7.25
CA GLN A 274 1.70 6.61 -7.40
C GLN A 274 2.41 7.72 -6.63
N THR A 275 1.68 8.75 -6.20
CA THR A 275 2.32 9.86 -5.48
C THR A 275 1.61 10.10 -4.16
N ALA A 276 1.52 9.05 -3.34
CA ALA A 276 0.69 9.11 -2.15
C ALA A 276 1.42 8.88 -0.82
N THR A 277 2.60 8.31 -0.86
CA THR A 277 3.28 7.91 0.39
C THR A 277 4.64 8.57 0.58
N ALA A 278 5.08 8.66 1.84
CA ALA A 278 6.37 9.28 2.15
C ALA A 278 7.60 8.42 1.80
N THR A 279 7.38 7.14 1.50
CA THR A 279 8.50 6.23 1.35
C THR A 279 8.68 5.70 -0.08
N GLY A 280 7.72 5.96 -0.95
CA GLY A 280 7.79 5.40 -2.29
C GLY A 280 6.93 4.18 -2.50
N ARG A 281 6.24 3.73 -1.45
CA ARG A 281 5.22 2.70 -1.63
C ARG A 281 4.08 3.24 -2.49
N LEU A 282 3.40 2.35 -3.20
CA LEU A 282 2.10 2.71 -3.78
C LEU A 282 1.05 2.75 -2.68
N SER A 283 -0.10 3.35 -2.97
CA SER A 283 -1.28 3.10 -2.16
C SER A 283 -2.41 2.69 -3.09
N SER A 284 -3.50 2.21 -2.50
CA SER A 284 -4.64 1.72 -3.27
C SER A 284 -5.88 2.34 -2.67
N SER A 285 -6.80 2.82 -3.51
CA SER A 285 -8.02 3.43 -2.98
C SER A 285 -9.22 3.26 -3.91
N ASP A 286 -10.41 3.50 -3.34
CA ASP A 286 -11.65 3.60 -4.11
C ASP A 286 -12.04 2.35 -4.90
N PRO A 287 -12.02 1.16 -4.27
CA PRO A 287 -11.74 0.82 -2.87
C PRO A 287 -10.28 0.39 -2.70
N ASN A 288 -9.79 0.45 -1.47
CA ASN A 288 -8.45 -0.06 -1.17
C ASN A 288 -8.44 -1.57 -1.25
N LEU A 289 -7.64 -2.11 -2.17
CA LEU A 289 -7.52 -3.56 -2.30
C LEU A 289 -6.19 -4.07 -1.73
N GLN A 290 -5.47 -3.20 -1.01
CA GLN A 290 -4.25 -3.59 -0.33
C GLN A 290 -4.48 -3.91 1.15
N ASN A 291 -5.74 -3.88 1.58
CA ASN A 291 -6.06 -4.27 2.96
C ASN A 291 -7.21 -5.26 3.08
N ILE A 292 -7.36 -6.11 2.07
CA ILE A 292 -8.35 -7.18 2.14
C ILE A 292 -7.97 -8.14 3.26
N PRO A 293 -8.95 -8.53 4.11
CA PRO A 293 -8.63 -9.34 5.30
C PRO A 293 -7.99 -10.67 4.95
N VAL A 294 -7.23 -11.22 5.89
CA VAL A 294 -6.60 -12.53 5.70
C VAL A 294 -6.26 -13.22 7.03
N ARG A 295 -6.19 -12.45 8.11
CA ARG A 295 -5.74 -13.00 9.38
C ARG A 295 -6.71 -13.98 10.05
N THR A 296 -7.95 -13.56 10.24
CA THR A 296 -8.94 -14.36 11.00
C THR A 296 -9.75 -15.28 10.09
N PRO A 297 -10.48 -16.25 10.68
CA PRO A 297 -11.31 -17.13 9.83
C PRO A 297 -12.31 -16.37 8.97
N LEU A 298 -13.04 -15.40 9.52
CA LEU A 298 -13.98 -14.62 8.70
C LEU A 298 -13.21 -13.81 7.66
N GLY A 299 -12.08 -13.26 8.05
CA GLY A 299 -11.26 -12.53 7.10
C GLY A 299 -10.87 -13.42 5.93
N GLN A 300 -10.46 -14.63 6.22
CA GLN A 300 -10.13 -15.59 5.16
C GLN A 300 -11.32 -15.88 4.24
N ARG A 301 -12.53 -15.96 4.81
CA ARG A 301 -13.70 -16.22 3.99
C ARG A 301 -13.95 -15.09 3.02
N ILE A 302 -13.62 -13.88 3.44
CA ILE A 302 -13.78 -12.71 2.58
C ILE A 302 -12.73 -12.73 1.47
N ARG A 303 -11.50 -13.08 1.82
CA ARG A 303 -10.44 -13.12 0.81
C ARG A 303 -10.75 -14.13 -0.29
N ARG A 304 -11.45 -15.21 0.06
CA ARG A 304 -11.79 -16.25 -0.91
C ARG A 304 -12.79 -15.75 -1.95
N ALA A 305 -13.39 -14.58 -1.71
CA ALA A 305 -14.35 -14.01 -2.65
C ALA A 305 -13.65 -13.42 -3.87
N PHE A 306 -12.34 -13.22 -3.76
CA PHE A 306 -11.54 -12.72 -4.87
C PHE A 306 -11.06 -13.87 -5.73
N ILE A 307 -11.63 -13.99 -6.93
CA ILE A 307 -11.49 -15.20 -7.71
C ILE A 307 -10.99 -14.95 -9.13
N ALA A 308 -10.49 -16.01 -9.75
CA ALA A 308 -10.07 -15.96 -11.14
C ALA A 308 -11.27 -15.99 -12.08
N GLU A 309 -11.11 -15.37 -13.25
CA GLU A 309 -12.08 -15.53 -14.34
C GLU A 309 -12.21 -17.01 -14.68
N GLU A 310 -13.40 -17.42 -15.07
CA GLU A 310 -13.60 -18.78 -15.57
C GLU A 310 -12.58 -19.11 -16.64
N GLY A 311 -11.86 -20.22 -16.45
CA GLY A 311 -10.86 -20.64 -17.41
C GLY A 311 -9.47 -20.13 -17.10
N TRP A 312 -9.37 -19.31 -16.06
CA TRP A 312 -8.11 -18.70 -15.65
C TRP A 312 -7.78 -19.11 -14.21
N LEU A 313 -6.57 -18.79 -13.77
CA LEU A 313 -6.18 -18.98 -12.38
C LEU A 313 -5.47 -17.73 -11.85
N LEU A 314 -5.54 -17.50 -10.54
CA LEU A 314 -4.76 -16.43 -9.94
C LEU A 314 -3.38 -16.99 -9.62
N VAL A 315 -2.37 -16.14 -9.76
CA VAL A 315 -1.02 -16.48 -9.35
C VAL A 315 -0.59 -15.41 -8.37
N ALA A 316 -0.21 -15.82 -7.16
CA ALA A 316 0.22 -14.85 -6.15
C ALA A 316 1.70 -15.04 -5.84
N LEU A 317 2.46 -13.94 -5.86
CA LEU A 317 3.90 -14.00 -5.61
C LEU A 317 4.28 -13.01 -4.52
N ASP A 318 5.05 -13.46 -3.53
CA ASP A 318 5.35 -12.62 -2.37
C ASP A 318 6.83 -12.72 -2.00
N TYR A 319 7.53 -11.59 -1.93
CA TYR A 319 8.94 -11.60 -1.55
C TYR A 319 9.09 -12.12 -0.12
N SER A 320 10.01 -13.05 0.07
CA SER A 320 10.30 -13.60 1.40
C SER A 320 11.12 -12.63 2.28
N GLN A 321 10.65 -12.39 3.51
CA GLN A 321 11.37 -11.59 4.50
C GLN A 321 12.00 -10.32 3.91
N ILE A 322 11.25 -9.60 3.08
CA ILE A 322 11.89 -8.65 2.15
C ILE A 322 12.63 -7.50 2.82
N GLU A 323 12.04 -6.89 3.84
CA GLU A 323 12.71 -5.76 4.46
C GLU A 323 13.94 -6.18 5.26
N LEU A 324 13.96 -7.43 5.74
CA LEU A 324 15.15 -7.92 6.45
C LEU A 324 16.30 -8.12 5.45
N ARG A 325 15.98 -8.65 4.27
CA ARG A 325 16.99 -8.82 3.22
C ARG A 325 17.54 -7.46 2.78
N VAL A 326 16.65 -6.49 2.59
CA VAL A 326 17.07 -5.15 2.22
C VAL A 326 17.98 -4.56 3.31
N LEU A 327 17.60 -4.76 4.56
CA LEU A 327 18.38 -4.26 5.68
C LEU A 327 19.79 -4.87 5.69
N ALA A 328 19.87 -6.16 5.39
CA ALA A 328 21.16 -6.83 5.30
C ALA A 328 22.04 -6.14 4.26
N HIS A 329 21.46 -5.77 3.12
CA HIS A 329 22.22 -5.13 2.04
C HIS A 329 22.64 -3.70 2.39
N LEU A 330 21.71 -2.95 2.97
CA LEU A 330 21.98 -1.56 3.29
C LEU A 330 23.02 -1.43 4.39
N SER A 331 22.91 -2.27 5.40
CA SER A 331 23.77 -2.17 6.57
C SER A 331 25.08 -2.91 6.38
N GLY A 332 25.04 -3.95 5.55
CA GLY A 332 26.20 -4.80 5.36
C GLY A 332 26.57 -5.65 6.57
N ASP A 333 25.59 -5.94 7.42
CA ASP A 333 25.86 -6.81 8.57
C ASP A 333 26.19 -8.24 8.16
N GLU A 334 27.39 -8.69 8.51
CA GLU A 334 27.86 -10.01 8.09
C GLU A 334 26.97 -11.14 8.63
N ASN A 335 26.59 -11.05 9.90
CA ASN A 335 25.68 -12.03 10.51
C ASN A 335 24.34 -12.12 9.78
N LEU A 336 23.76 -10.97 9.47
CA LEU A 336 22.47 -10.93 8.78
C LEU A 336 22.61 -11.47 7.36
N ILE A 337 23.66 -11.05 6.66
CA ILE A 337 23.94 -11.54 5.31
C ILE A 337 24.10 -13.06 5.34
N ARG A 338 24.80 -13.56 6.35
CA ARG A 338 25.02 -14.99 6.47
C ARG A 338 23.72 -15.77 6.71
N VAL A 339 22.81 -15.17 7.47
CA VAL A 339 21.49 -15.75 7.69
C VAL A 339 20.79 -16.08 6.37
N PHE A 340 20.86 -15.16 5.42
CA PHE A 340 20.15 -15.36 4.15
C PHE A 340 20.93 -16.22 3.17
N GLN A 341 22.24 -16.26 3.32
CA GLN A 341 23.06 -17.15 2.51
CA GLN A 341 23.08 -17.15 2.52
C GLN A 341 22.84 -18.61 2.92
N GLU A 342 22.53 -18.81 4.20
CA GLU A 342 22.29 -20.15 4.73
C GLU A 342 20.84 -20.62 4.57
N GLY A 343 19.96 -19.73 4.12
CA GLY A 343 18.57 -20.09 3.92
C GLY A 343 17.72 -20.16 5.18
N ARG A 344 18.08 -19.40 6.20
CA ARG A 344 17.32 -19.38 7.44
C ARG A 344 16.09 -18.47 7.34
N ASP A 345 15.18 -18.58 8.31
CA ASP A 345 13.96 -17.78 8.32
C ASP A 345 13.80 -17.15 9.70
N ILE A 346 14.04 -15.85 9.78
CA ILE A 346 14.03 -15.13 11.04
C ILE A 346 12.62 -15.08 11.65
N HIS A 347 11.61 -14.99 10.80
CA HIS A 347 10.23 -15.01 11.27
C HIS A 347 9.90 -16.34 11.95
N THR A 348 10.30 -17.44 11.33
CA THR A 348 10.02 -18.76 11.90
C THR A 348 10.81 -18.96 13.20
N GLU A 349 12.04 -18.45 13.22
CA GLU A 349 12.87 -18.54 14.41
C GLU A 349 12.27 -17.77 15.59
N THR A 350 11.84 -16.53 15.35
CA THR A 350 11.20 -15.73 16.38
C THR A 350 9.91 -16.41 16.87
N ALA A 351 9.18 -17.03 15.94
CA ALA A 351 7.92 -17.69 16.28
C ALA A 351 8.17 -18.88 17.20
N SER A 352 9.27 -19.58 16.95
CA SER A 352 9.67 -20.73 17.75
C SER A 352 9.91 -20.30 19.20
N TRP A 353 10.57 -19.16 19.35
CA TRP A 353 10.85 -18.62 20.67
C TRP A 353 9.58 -18.14 21.36
N MET A 354 8.73 -17.44 20.61
CA MET A 354 7.50 -16.84 21.14
C MET A 354 6.57 -17.89 21.72
N PHE A 355 6.34 -18.95 20.97
CA PHE A 355 5.38 -19.96 21.37
C PHE A 355 6.04 -21.16 22.05
N GLY A 356 7.36 -21.12 22.14
CA GLY A 356 8.11 -22.15 22.86
C GLY A 356 7.96 -23.51 22.23
N VAL A 357 8.07 -23.54 20.89
CA VAL A 357 7.98 -24.79 20.15
C VAL A 357 9.11 -24.86 19.13
N PRO A 358 9.47 -26.08 18.69
CA PRO A 358 10.47 -26.20 17.62
C PRO A 358 10.00 -25.54 16.32
N ARG A 359 10.93 -25.25 15.42
CA ARG A 359 10.62 -24.58 14.17
C ARG A 359 9.58 -25.34 13.33
N GLU A 360 9.66 -26.67 13.37
CA GLU A 360 8.73 -27.49 12.60
C GLU A 360 7.29 -27.38 13.10
N ALA A 361 7.14 -26.93 14.35
CA ALA A 361 5.83 -26.81 14.98
C ALA A 361 5.16 -25.47 14.69
N VAL A 362 5.91 -24.53 14.14
CA VAL A 362 5.38 -23.20 13.84
C VAL A 362 4.38 -23.22 12.70
N ASP A 363 3.14 -22.83 12.97
CA ASP A 363 2.11 -22.74 11.94
C ASP A 363 2.06 -21.33 11.34
N PRO A 364 1.35 -21.16 10.21
CA PRO A 364 1.27 -19.83 9.56
C PRO A 364 0.81 -18.68 10.45
N LEU A 365 -0.20 -18.88 11.30
CA LEU A 365 -0.65 -17.80 12.18
C LEU A 365 0.47 -17.38 13.14
N MET A 366 1.18 -18.37 13.67
CA MET A 366 2.31 -18.12 14.56
C MET A 366 3.39 -17.30 13.88
N ARG A 367 3.65 -17.61 12.61
CA ARG A 367 4.66 -16.87 11.86
C ARG A 367 4.21 -15.43 11.60
N ARG A 368 2.92 -15.24 11.31
CA ARG A 368 2.37 -13.89 11.19
C ARG A 368 2.59 -13.10 12.46
N ALA A 369 2.31 -13.73 13.60
CA ALA A 369 2.54 -13.10 14.89
C ALA A 369 3.99 -12.65 15.03
N ALA A 370 4.91 -13.49 14.55
CA ALA A 370 6.34 -13.19 14.66
C ALA A 370 6.77 -12.04 13.76
N LYS A 371 6.09 -11.87 12.62
CA LYS A 371 6.41 -10.76 11.73
C LYS A 371 6.09 -9.43 12.40
N THR A 372 4.96 -9.38 13.10
CA THR A 372 4.60 -8.19 13.86
C THR A 372 5.67 -7.90 14.89
N ILE A 373 6.15 -8.94 15.56
CA ILE A 373 7.17 -8.75 16.59
C ILE A 373 8.50 -8.34 15.96
N ASN A 374 8.92 -9.06 14.93
CA ASN A 374 10.20 -8.79 14.27
C ASN A 374 10.31 -7.38 13.69
N PHE A 375 9.27 -6.92 13.03
CA PHE A 375 9.34 -5.57 12.47
C PHE A 375 9.06 -4.50 13.51
N GLY A 376 8.20 -4.81 14.48
CA GLY A 376 8.00 -3.93 15.60
C GLY A 376 9.30 -3.61 16.31
N VAL A 377 10.06 -4.66 16.63
CA VAL A 377 11.34 -4.49 17.34
C VAL A 377 12.35 -3.73 16.48
N LEU A 378 12.46 -4.11 15.20
CA LEU A 378 13.42 -3.49 14.29
C LEU A 378 13.21 -1.99 14.19
N TYR A 379 11.96 -1.56 14.08
CA TYR A 379 11.69 -0.15 13.87
C TYR A 379 11.40 0.62 15.15
N GLY A 380 11.72 0.03 16.31
CA GLY A 380 11.79 0.78 17.55
C GLY A 380 10.75 0.55 18.63
N MET A 381 10.11 -0.62 18.64
CA MET A 381 9.08 -0.90 19.65
C MET A 381 9.66 -0.87 21.06
N SER A 382 8.87 -0.39 22.02
CA SER A 382 9.30 -0.36 23.42
C SER A 382 9.17 -1.72 24.09
N ALA A 383 9.96 -1.94 25.14
CA ALA A 383 9.88 -3.16 25.92
C ALA A 383 8.49 -3.29 26.56
N HIS A 384 7.94 -2.16 26.99
CA HIS A 384 6.62 -2.15 27.63
C HIS A 384 5.57 -2.72 26.70
N ARG A 385 5.48 -2.17 25.48
CA ARG A 385 4.55 -2.67 24.48
C ARG A 385 4.79 -4.14 24.18
N LEU A 386 6.06 -4.51 23.99
CA LEU A 386 6.40 -5.89 23.66
C LEU A 386 5.97 -6.83 24.78
N SER A 387 6.18 -6.40 26.01
CA SER A 387 5.82 -7.21 27.17
C SER A 387 4.30 -7.41 27.23
N GLN A 388 3.54 -6.38 26.87
CA GLN A 388 2.08 -6.47 26.90
C GLN A 388 1.55 -7.37 25.79
N GLU A 389 2.11 -7.23 24.60
CA GLU A 389 1.64 -8.01 23.45
C GLU A 389 2.01 -9.48 23.57
N LEU A 390 3.14 -9.76 24.23
CA LEU A 390 3.59 -11.13 24.41
C LEU A 390 3.06 -11.74 25.70
N ALA A 391 2.57 -10.87 26.58
CA ALA A 391 2.15 -11.27 27.92
C ALA A 391 3.30 -11.96 28.66
N ILE A 392 4.47 -11.35 28.58
CA ILE A 392 5.63 -11.82 29.34
C ILE A 392 6.10 -10.69 30.26
N PRO A 393 6.92 -11.00 31.27
CA PRO A 393 7.43 -9.92 32.13
C PRO A 393 8.23 -8.89 31.33
N TYR A 394 8.21 -7.64 31.80
CA TYR A 394 8.94 -6.55 31.16
C TYR A 394 10.39 -6.93 30.91
N GLU A 395 11.00 -7.55 31.92
CA GLU A 395 12.39 -7.97 31.87
C GLU A 395 12.68 -8.93 30.72
N GLU A 396 11.73 -9.83 30.43
CA GLU A 396 11.88 -10.78 29.33
C GLU A 396 11.85 -10.06 27.98
N ALA A 397 10.93 -9.11 27.84
CA ALA A 397 10.81 -8.36 26.60
C ALA A 397 12.06 -7.54 26.34
N GLN A 398 12.55 -6.87 27.38
CA GLN A 398 13.77 -6.08 27.30
C GLN A 398 14.93 -6.94 26.80
N ALA A 399 15.05 -8.13 27.35
CA ALA A 399 16.11 -9.07 26.96
C ALA A 399 16.01 -9.50 25.50
N PHE A 400 14.78 -9.73 25.02
CA PHE A 400 14.60 -10.14 23.64
C PHE A 400 15.10 -9.06 22.69
N ILE A 401 14.81 -7.82 23.03
CA ILE A 401 15.23 -6.69 22.20
C ILE A 401 16.74 -6.56 22.14
N GLU A 402 17.40 -6.68 23.28
CA GLU A 402 18.87 -6.65 23.34
C GLU A 402 19.50 -7.71 22.45
N ARG A 403 19.08 -8.96 22.61
CA ARG A 403 19.64 -10.06 21.82
C ARG A 403 19.35 -9.91 20.33
N TYR A 404 18.20 -9.32 20.01
CA TYR A 404 17.81 -9.09 18.62
C TYR A 404 18.88 -8.27 17.91
N PHE A 405 19.26 -7.16 18.52
CA PHE A 405 20.26 -6.28 17.93
C PHE A 405 21.68 -6.76 18.18
N GLN A 406 21.91 -7.45 19.29
CA GLN A 406 23.23 -8.03 19.55
C GLN A 406 23.57 -9.07 18.50
N SER A 407 22.55 -9.79 18.02
CA SER A 407 22.74 -10.80 16.98
C SER A 407 23.19 -10.18 15.65
N PHE A 408 22.75 -8.95 15.38
CA PHE A 408 23.08 -8.27 14.13
C PHE A 408 23.64 -6.87 14.38
N PRO A 409 24.90 -6.81 14.83
CA PRO A 409 25.58 -5.63 15.37
C PRO A 409 25.67 -4.42 14.44
N LYS A 410 25.81 -4.67 13.14
CA LYS A 410 25.99 -3.58 12.18
C LYS A 410 24.66 -2.85 11.87
N VAL A 411 23.55 -3.40 12.35
CA VAL A 411 22.27 -2.76 12.10
C VAL A 411 22.16 -1.41 12.83
N ARG A 412 22.48 -1.39 14.12
CA ARG A 412 22.40 -0.14 14.88
C ARG A 412 23.40 0.91 14.34
N ALA A 413 24.54 0.44 13.85
CA ALA A 413 25.52 1.35 13.26
C ALA A 413 24.98 2.00 11.99
N TRP A 414 24.29 1.22 11.17
CA TRP A 414 23.66 1.76 9.98
C TRP A 414 22.57 2.77 10.35
N ILE A 415 21.81 2.46 11.39
CA ILE A 415 20.77 3.38 11.84
C ILE A 415 21.39 4.71 12.26
N GLU A 416 22.45 4.66 13.07
CA GLU A 416 23.09 5.90 13.54
C GLU A 416 23.67 6.74 12.41
N LYS A 417 24.29 6.07 11.45
CA LYS A 417 24.87 6.73 10.28
C LYS A 417 23.76 7.37 9.45
N THR A 418 22.66 6.66 9.28
CA THR A 418 21.53 7.15 8.51
C THR A 418 20.95 8.41 9.17
N LEU A 419 20.78 8.36 10.48
CA LEU A 419 20.21 9.50 11.19
C LEU A 419 21.13 10.72 11.16
N GLU A 420 22.43 10.48 11.23
CA GLU A 420 23.38 11.59 11.23
C GLU A 420 23.41 12.29 9.88
N GLU A 421 23.41 11.51 8.79
CA GLU A 421 23.37 12.08 7.46
C GLU A 421 22.05 12.81 7.22
N GLY A 422 20.97 12.25 7.77
CA GLY A 422 19.66 12.86 7.66
C GLY A 422 19.60 14.22 8.33
N ARG A 423 20.24 14.33 9.49
CA ARG A 423 20.30 15.61 10.18
C ARG A 423 21.04 16.67 9.36
N ARG A 424 22.14 16.26 8.73
CA ARG A 424 22.96 17.19 7.97
C ARG A 424 22.31 17.63 6.65
N ARG A 425 21.91 16.66 5.84
CA ARG A 425 21.37 16.95 4.51
C ARG A 425 19.90 17.38 4.53
N GLY A 426 19.17 16.96 5.57
CA GLY A 426 17.76 17.27 5.66
C GLY A 426 16.86 16.15 5.15
N TYR A 427 17.48 15.13 4.54
CA TYR A 427 16.73 14.01 3.99
C TYR A 427 17.46 12.69 4.14
N VAL A 428 16.70 11.60 4.06
CA VAL A 428 17.26 10.26 3.99
C VAL A 428 16.91 9.69 2.62
N GLU A 429 17.57 8.62 2.20
CA GLU A 429 17.35 8.12 0.85
C GLU A 429 17.41 6.59 0.75
N THR A 430 16.72 6.05 -0.26
CA THR A 430 16.75 4.63 -0.55
C THR A 430 18.01 4.28 -1.32
N LEU A 431 18.21 2.99 -1.55
CA LEU A 431 19.36 2.48 -2.32
C LEU A 431 19.47 3.17 -3.66
N PHE A 432 18.32 3.45 -4.27
CA PHE A 432 18.28 4.05 -5.60
C PHE A 432 18.26 5.57 -5.57
N GLY A 433 18.27 6.15 -4.36
CA GLY A 433 18.35 7.59 -4.21
C GLY A 433 17.02 8.31 -4.10
N ARG A 434 15.92 7.57 -3.91
CA ARG A 434 14.64 8.21 -3.63
C ARG A 434 14.77 8.90 -2.29
N ARG A 435 14.26 10.13 -2.16
CA ARG A 435 14.49 10.93 -0.95
C ARG A 435 13.23 11.16 -0.15
N ARG A 436 13.39 11.26 1.18
CA ARG A 436 12.35 11.75 2.06
C ARG A 436 12.95 12.80 2.98
N TYR A 437 12.35 13.98 3.01
CA TYR A 437 12.83 15.06 3.87
C TYR A 437 12.25 14.90 5.27
N VAL A 438 13.12 14.97 6.28
CA VAL A 438 12.69 14.79 7.68
C VAL A 438 13.29 15.88 8.56
N PRO A 439 12.73 17.10 8.48
CA PRO A 439 13.29 18.22 9.23
C PRO A 439 13.18 18.04 10.74
N ASP A 440 12.24 17.21 11.22
CA ASP A 440 12.09 17.04 12.67
C ASP A 440 13.18 16.20 13.33
N LEU A 441 14.17 15.75 12.55
CA LEU A 441 15.36 15.11 13.10
C LEU A 441 16.10 16.07 14.02
N GLU A 442 15.87 17.36 13.80
CA GLU A 442 16.51 18.40 14.58
C GLU A 442 15.56 19.07 15.56
N ALA A 443 14.40 18.45 15.79
CA ALA A 443 13.42 18.97 16.75
C ALA A 443 13.98 18.99 18.16
N ARG A 444 13.61 20.03 18.91
CA ARG A 444 14.13 20.25 20.25
C ARG A 444 13.30 19.49 21.29
N VAL A 445 12.14 19.00 20.87
CA VAL A 445 11.25 18.22 21.73
C VAL A 445 11.50 16.73 21.51
N LYS A 446 11.89 16.02 22.56
CA LYS A 446 12.38 14.65 22.38
C LYS A 446 11.39 13.67 21.75
N SER A 447 10.13 13.69 22.19
CA SER A 447 9.16 12.74 21.66
C SER A 447 8.96 12.94 20.16
N VAL A 448 8.91 14.20 19.74
CA VAL A 448 8.78 14.56 18.34
C VAL A 448 10.00 14.12 17.54
N ARG A 449 11.18 14.47 18.06
CA ARG A 449 12.45 14.12 17.43
C ARG A 449 12.60 12.61 17.27
N GLU A 450 12.26 11.86 18.33
CA GLU A 450 12.44 10.42 18.30
C GLU A 450 11.44 9.74 17.36
N ALA A 451 10.22 10.26 17.30
CA ALA A 451 9.27 9.77 16.31
C ALA A 451 9.84 9.99 14.91
N ALA A 452 10.41 11.17 14.70
CA ALA A 452 11.01 11.50 13.41
C ALA A 452 12.16 10.57 13.07
N GLU A 453 12.95 10.19 14.09
CA GLU A 453 14.04 9.26 13.87
C GLU A 453 13.54 7.90 13.40
N ARG A 454 12.46 7.41 14.00
CA ARG A 454 11.88 6.13 13.56
C ARG A 454 11.38 6.22 12.11
N MET A 455 10.73 7.33 11.75
CA MET A 455 10.30 7.52 10.35
C MET A 455 11.51 7.52 9.42
N ALA A 456 12.55 8.20 9.87
CA ALA A 456 13.75 8.42 9.06
C ALA A 456 14.52 7.15 8.74
N PHE A 457 14.77 6.31 9.73
CA PHE A 457 15.54 5.11 9.44
C PHE A 457 14.70 3.97 8.85
N ASN A 458 13.38 4.08 8.98
CA ASN A 458 12.51 3.11 8.32
C ASN A 458 12.48 3.35 6.82
N MET A 459 12.50 4.62 6.43
CA MET A 459 12.27 4.98 5.02
C MET A 459 13.23 4.32 4.02
N PRO A 460 14.55 4.33 4.29
CA PRO A 460 15.43 3.69 3.30
C PRO A 460 15.13 2.20 3.13
N VAL A 461 14.71 1.54 4.20
CA VAL A 461 14.41 0.12 4.12
C VAL A 461 13.09 -0.14 3.39
N GLN A 462 12.00 0.45 3.88
CA GLN A 462 10.72 0.28 3.24
C GLN A 462 10.72 0.79 1.79
N GLY A 463 11.39 1.92 1.59
CA GLY A 463 11.45 2.53 0.28
C GLY A 463 12.30 1.74 -0.72
N THR A 464 13.41 1.17 -0.27
CA THR A 464 14.19 0.32 -1.16
C THR A 464 13.39 -0.90 -1.60
N ALA A 465 12.72 -1.54 -0.65
CA ALA A 465 11.86 -2.67 -0.98
C ALA A 465 10.80 -2.23 -2.00
N ALA A 466 10.24 -1.02 -1.82
CA ALA A 466 9.23 -0.50 -2.75
C ALA A 466 9.80 -0.29 -4.15
N ASP A 467 10.99 0.30 -4.21
CA ASP A 467 11.71 0.50 -5.47
C ASP A 467 11.92 -0.83 -6.19
N LEU A 468 12.32 -1.85 -5.45
CA LEU A 468 12.58 -3.15 -6.07
C LEU A 468 11.32 -3.74 -6.67
N MET A 469 10.22 -3.65 -5.92
CA MET A 469 8.97 -4.16 -6.44
C MET A 469 8.51 -3.40 -7.69
N LYS A 470 8.65 -2.08 -7.66
CA LYS A 470 8.26 -1.27 -8.81
C LYS A 470 9.07 -1.66 -10.04
N LEU A 471 10.37 -1.83 -9.86
CA LEU A 471 11.24 -2.22 -10.97
C LEU A 471 10.83 -3.59 -11.50
N ALA A 472 10.52 -4.51 -10.59
CA ALA A 472 10.05 -5.84 -10.99
C ALA A 472 8.76 -5.77 -11.81
N MET A 473 7.82 -4.91 -11.40
CA MET A 473 6.58 -4.75 -12.16
C MET A 473 6.83 -4.24 -13.58
N VAL A 474 7.74 -3.28 -13.71
CA VAL A 474 8.07 -2.70 -15.00
C VAL A 474 8.71 -3.73 -15.92
N LYS A 475 9.55 -4.57 -15.35
CA LYS A 475 10.18 -5.65 -16.12
C LYS A 475 9.22 -6.79 -16.46
N LEU A 476 8.32 -7.11 -15.54
CA LEU A 476 7.44 -8.27 -15.69
C LEU A 476 6.30 -7.99 -16.66
N PHE A 477 5.74 -6.80 -16.60
CA PHE A 477 4.54 -6.49 -17.38
C PHE A 477 4.60 -6.87 -18.87
N PRO A 478 5.64 -6.43 -19.61
CA PRO A 478 5.66 -6.82 -21.02
C PRO A 478 5.78 -8.34 -21.23
N ARG A 479 6.43 -9.03 -20.29
CA ARG A 479 6.51 -10.49 -20.42
C ARG A 479 5.11 -11.12 -20.27
N LEU A 480 4.31 -10.57 -19.36
CA LEU A 480 2.97 -11.13 -19.15
C LEU A 480 2.09 -10.86 -20.35
N GLU A 481 2.21 -9.65 -20.90
CA GLU A 481 1.44 -9.29 -22.09
C GLU A 481 1.71 -10.28 -23.22
N GLU A 482 2.98 -10.68 -23.36
CA GLU A 482 3.37 -11.66 -24.38
C GLU A 482 2.78 -13.05 -24.15
N MET A 483 2.51 -13.39 -22.89
CA MET A 483 1.98 -14.70 -22.55
C MET A 483 0.45 -14.72 -22.43
N GLY A 484 -0.17 -13.57 -22.64
CA GLY A 484 -1.61 -13.46 -22.51
C GLY A 484 -2.08 -13.46 -21.07
N ALA A 485 -1.18 -13.16 -20.14
CA ALA A 485 -1.53 -13.06 -18.72
C ALA A 485 -1.74 -11.62 -18.30
N ARG A 486 -2.35 -11.42 -17.13
CA ARG A 486 -2.69 -10.09 -16.65
C ARG A 486 -2.10 -9.83 -15.27
N MET A 487 -1.62 -8.62 -15.05
CA MET A 487 -1.24 -8.19 -13.70
C MET A 487 -2.48 -7.53 -13.09
N LEU A 488 -2.90 -7.99 -11.90
CA LEU A 488 -4.13 -7.49 -11.28
C LEU A 488 -3.86 -6.54 -10.12
N LEU A 489 -3.08 -7.02 -9.15
CA LEU A 489 -2.90 -6.27 -7.91
C LEU A 489 -1.45 -6.25 -7.46
N GLN A 490 -1.08 -5.18 -6.75
CA GLN A 490 0.18 -5.16 -6.01
C GLN A 490 -0.19 -4.89 -4.57
N VAL A 491 0.39 -5.65 -3.65
CA VAL A 491 0.19 -5.41 -2.22
C VAL A 491 1.55 -5.32 -1.57
N HIS A 492 2.28 -4.26 -1.93
CA HIS A 492 3.56 -3.89 -1.31
C HIS A 492 4.73 -4.79 -1.71
N ASP A 493 4.74 -6.04 -1.24
CA ASP A 493 5.79 -6.95 -1.71
C ASP A 493 5.20 -8.21 -2.34
N GLU A 494 3.95 -8.08 -2.78
CA GLU A 494 3.21 -9.18 -3.38
C GLU A 494 2.58 -8.70 -4.69
N LEU A 495 2.54 -9.58 -5.69
CA LEU A 495 1.81 -9.33 -6.92
C LEU A 495 0.76 -10.41 -7.09
N VAL A 496 -0.40 -10.03 -7.62
CA VAL A 496 -1.41 -11.02 -7.95
C VAL A 496 -1.63 -10.91 -9.45
N LEU A 497 -1.44 -12.02 -10.14
CA LEU A 497 -1.61 -12.09 -11.59
C LEU A 497 -2.79 -13.01 -11.90
N GLU A 498 -3.28 -12.94 -13.14
CA GLU A 498 -4.32 -13.82 -13.62
C GLU A 498 -3.84 -14.42 -14.92
N ALA A 499 -3.83 -15.74 -15.03
CA ALA A 499 -3.28 -16.41 -16.21
C ALA A 499 -4.24 -17.46 -16.72
N PRO A 500 -4.28 -17.65 -18.06
CA PRO A 500 -5.10 -18.74 -18.60
C PRO A 500 -4.64 -20.06 -17.96
N LYS A 501 -5.56 -20.97 -17.66
CA LYS A 501 -5.19 -22.19 -16.92
C LYS A 501 -4.00 -22.94 -17.54
N GLU A 502 -4.01 -23.05 -18.86
CA GLU A 502 -2.98 -23.81 -19.57
C GLU A 502 -1.58 -23.20 -19.41
N ARG A 503 -1.53 -21.90 -19.12
CA ARG A 503 -0.25 -21.21 -19.05
C ARG A 503 0.13 -20.78 -17.64
N ALA A 504 -0.73 -21.07 -16.67
CA ALA A 504 -0.53 -20.55 -15.31
C ALA A 504 0.78 -21.02 -14.69
N GLU A 505 1.12 -22.30 -14.89
CA GLU A 505 2.34 -22.83 -14.32
C GLU A 505 3.57 -22.13 -14.91
N ALA A 506 3.57 -21.95 -16.23
CA ALA A 506 4.66 -21.26 -16.91
C ALA A 506 4.76 -19.79 -16.48
N VAL A 507 3.61 -19.13 -16.34
CA VAL A 507 3.60 -17.73 -15.87
C VAL A 507 4.15 -17.63 -14.45
N ALA A 508 3.74 -18.54 -13.58
CA ALA A 508 4.21 -18.51 -12.20
C ALA A 508 5.73 -18.63 -12.14
N ARG A 509 6.28 -19.55 -12.92
CA ARG A 509 7.73 -19.75 -12.93
C ARG A 509 8.47 -18.52 -13.41
N LEU A 510 8.02 -17.98 -14.55
CA LEU A 510 8.67 -16.80 -15.13
C LEU A 510 8.58 -15.58 -14.22
N ALA A 511 7.40 -15.32 -13.67
CA ALA A 511 7.23 -14.18 -12.79
C ALA A 511 8.14 -14.27 -11.56
N LYS A 512 8.26 -15.47 -11.00
CA LYS A 512 9.12 -15.68 -9.85
C LYS A 512 10.56 -15.33 -10.21
N GLU A 513 11.00 -15.77 -11.38
CA GLU A 513 12.37 -15.55 -11.81
C GLU A 513 12.63 -14.06 -12.07
N VAL A 514 11.67 -13.38 -12.69
CA VAL A 514 11.82 -11.94 -12.92
C VAL A 514 11.94 -11.19 -11.59
N MET A 515 11.07 -11.53 -10.65
CA MET A 515 11.07 -10.85 -9.37
C MET A 515 12.35 -11.11 -8.58
N GLU A 516 12.84 -12.35 -8.64
CA GLU A 516 14.04 -12.72 -7.89
C GLU A 516 15.30 -12.08 -8.47
N GLY A 517 15.31 -11.88 -9.78
CA GLY A 517 16.51 -11.42 -10.47
C GLY A 517 16.48 -9.93 -10.81
N VAL A 518 15.48 -9.21 -10.30
CA VAL A 518 15.24 -7.81 -10.67
C VAL A 518 16.46 -6.91 -10.49
N TYR A 519 17.09 -7.00 -9.33
CA TYR A 519 18.22 -6.13 -9.01
C TYR A 519 18.94 -6.81 -7.89
N PRO A 520 19.93 -7.65 -8.23
CA PRO A 520 20.59 -8.48 -7.24
C PRO A 520 21.24 -7.67 -6.12
N LEU A 521 21.11 -8.21 -4.91
CA LEU A 521 21.68 -7.59 -3.71
C LEU A 521 22.78 -8.48 -3.11
N ALA A 522 23.30 -8.07 -1.95
CA ALA A 522 24.34 -8.82 -1.27
C ALA A 522 23.78 -10.14 -0.72
N VAL A 523 22.46 -10.23 -0.67
CA VAL A 523 21.77 -11.47 -0.30
C VAL A 523 20.80 -11.85 -1.43
N PRO A 524 20.50 -13.14 -1.55
CA PRO A 524 19.52 -13.56 -2.56
C PRO A 524 18.14 -13.01 -2.22
N LEU A 525 17.35 -12.70 -3.24
CA LEU A 525 15.94 -12.44 -3.03
C LEU A 525 15.23 -13.74 -3.32
N GLU A 526 14.33 -14.12 -2.42
CA GLU A 526 13.53 -15.30 -2.65
C GLU A 526 12.06 -14.90 -2.74
N VAL A 527 11.35 -15.54 -3.64
CA VAL A 527 9.95 -15.23 -3.86
C VAL A 527 9.13 -16.51 -3.69
N GLU A 528 8.09 -16.44 -2.87
CA GLU A 528 7.16 -17.56 -2.72
C GLU A 528 6.02 -17.39 -3.72
N VAL A 529 5.64 -18.48 -4.37
CA VAL A 529 4.59 -18.38 -5.38
C VAL A 529 3.53 -19.47 -5.21
N GLY A 530 2.27 -19.09 -5.41
CA GLY A 530 1.18 -20.05 -5.36
C GLY A 530 0.21 -19.81 -6.50
N ILE A 531 -0.59 -20.82 -6.82
CA ILE A 531 -1.57 -20.72 -7.89
C ILE A 531 -2.90 -21.23 -7.39
N GLY A 532 -3.99 -20.53 -7.70
CA GLY A 532 -5.29 -20.98 -7.23
C GLY A 532 -6.48 -20.29 -7.87
N GLU A 533 -7.67 -20.83 -7.63
CA GLU A 533 -8.92 -20.25 -8.14
C GLU A 533 -9.35 -19.00 -7.39
N ASP A 534 -8.82 -18.84 -6.18
CA ASP A 534 -9.10 -17.63 -5.41
C ASP A 534 -7.84 -17.13 -4.72
N TRP A 535 -7.90 -15.89 -4.22
CA TRP A 535 -6.70 -15.24 -3.69
C TRP A 535 -6.15 -15.99 -2.47
N LEU A 536 -7.06 -16.49 -1.63
CA LEU A 536 -6.62 -17.25 -0.45
C LEU A 536 -5.91 -18.53 -0.86
N SER A 537 -6.49 -19.29 -1.78
CA SER A 537 -5.91 -20.56 -2.20
CA SER A 537 -5.91 -20.56 -2.20
C SER A 537 -4.58 -20.35 -2.93
N ALA A 538 -4.42 -19.20 -3.57
CA ALA A 538 -3.18 -18.91 -4.30
C ALA A 538 -2.02 -18.56 -3.39
N LYS A 539 -2.30 -18.26 -2.12
CA LYS A 539 -1.21 -17.91 -1.19
C LYS A 539 -0.81 -19.07 -0.29
N GLU A 540 -1.56 -20.17 -0.37
CA GLU A 540 -1.22 -21.37 0.37
C GLU A 540 -0.43 -22.34 -0.50
#